data_8CEW
#
_entry.id   8CEW
#
_cell.length_a   51.590
_cell.length_b   56.500
_cell.length_c   113.950
_cell.angle_alpha   90.000
_cell.angle_beta   90.000
_cell.angle_gamma   90.000
#
_symmetry.space_group_name_H-M   'P 21 21 21'
#
loop_
_entity.id
_entity.type
_entity.pdbx_description
1 polymer 'DNA cross-link repair 1A protein'
2 non-polymer 'DIMETHYL SULFOXIDE'
3 non-polymer 'NICKEL (II) ION'
4 non-polymer 'ZINC ION'
5 non-polymer 6-methoxy-2-oxidanyl-benzo[de]isoquinoline-1,3-dione
6 water water
#
_entity_poly.entity_id   1
_entity_poly.type   'polypeptide(L)'
_entity_poly.pdbx_seq_one_letter_code
;SMKKTCPFYKKIPGTGFTVDAFQYGVVEGCTAYFLTHFHSDHYAGLSKHFTFPVYCSEITGNLLKNKLHVQEQYIHPLPL
DTECIVNGVKVVLLDANHCPGAVMILFYLPNGTVILHTGDFRADPSMERSLLADQKVHMLYLDTTYCSPEYTFPSQQEVI
RFAINTAFEAVTLNPHALVVCGTYSIGKEKVFLAIADVLGSKVGMSQEKYKTLQCLNIPEINSLITTDMCSSLVHLLPMM
QINFKGLQSHLKKCGGKYNQILAFRPTGWTHSNKFTRIADVIPQTKGNISIYGIPYSEHSSYLEMKRFVQWLKPQKIIPT
VNVGTWKSRSTMEKYFREWKLEAGY
;
_entity_poly.pdbx_strand_id   A
#
loop_
_chem_comp.id
_chem_comp.type
_chem_comp.name
_chem_comp.formula
DMS non-polymer 'DIMETHYL SULFOXIDE' 'C2 H6 O S'
NI non-polymer 'NICKEL (II) ION' 'Ni 2'
UFI non-polymer 6-methoxy-2-oxidanyl-benzo[de]isoquinoline-1,3-dione 'C13 H9 N O4'
ZN non-polymer 'ZINC ION' 'Zn 2'
#
# COMPACT_ATOMS: atom_id res chain seq x y z
N THR A 5 -12.47 4.99 22.04
CA THR A 5 -11.25 5.72 22.35
C THR A 5 -10.43 6.03 21.09
N CYS A 6 -10.91 6.96 20.28
CA CYS A 6 -10.18 7.34 19.08
C CYS A 6 -8.84 7.96 19.48
N PRO A 7 -7.72 7.45 19.00
CA PRO A 7 -6.43 8.00 19.41
C PRO A 7 -6.21 9.39 18.86
N PHE A 8 -5.37 10.16 19.55
CA PHE A 8 -5.15 11.56 19.16
C PHE A 8 -4.53 11.67 17.78
N TYR A 9 -3.69 10.71 17.39
CA TYR A 9 -2.99 10.81 16.11
C TYR A 9 -3.90 10.53 14.92
N LYS A 10 -5.18 10.22 15.15
CA LYS A 10 -6.16 10.12 14.07
C LYS A 10 -7.07 11.34 14.02
N LYS A 11 -6.83 12.34 14.85
CA LYS A 11 -7.61 13.57 14.86
C LYS A 11 -6.79 14.72 14.30
N ILE A 12 -7.47 15.60 13.57
CA ILE A 12 -6.83 16.77 12.97
C ILE A 12 -7.22 17.99 13.82
N PRO A 13 -6.29 18.57 14.59
CA PRO A 13 -6.66 19.66 15.49
C PRO A 13 -7.18 20.87 14.73
N GLY A 14 -8.06 21.62 15.39
CA GLY A 14 -8.66 22.79 14.76
C GLY A 14 -9.67 22.50 13.70
N THR A 15 -10.03 21.23 13.48
CA THR A 15 -11.00 20.84 12.47
C THR A 15 -11.99 19.85 13.08
N GLY A 16 -13.01 19.51 12.30
CA GLY A 16 -13.88 18.41 12.65
C GLY A 16 -13.53 17.17 11.85
N PHE A 17 -12.24 16.95 11.61
CA PHE A 17 -11.76 15.89 10.72
C PHE A 17 -11.08 14.79 11.51
N THR A 18 -11.34 13.55 11.10
CA THR A 18 -10.54 12.41 11.50
C THR A 18 -9.99 11.73 10.26
N VAL A 19 -8.94 10.94 10.45
CA VAL A 19 -8.29 10.22 9.36
C VAL A 19 -8.21 8.75 9.75
N ASP A 20 -8.80 7.88 8.92
CA ASP A 20 -8.74 6.43 9.08
C ASP A 20 -9.26 5.99 10.45
N ALA A 21 -10.37 6.59 10.87
CA ALA A 21 -10.94 6.38 12.21
C ALA A 21 -12.39 5.93 12.08
N PHE A 22 -12.58 4.69 11.64
CA PHE A 22 -13.91 4.15 11.40
C PHE A 22 -14.31 3.04 12.35
N GLN A 23 -13.45 2.68 13.31
CA GLN A 23 -13.72 1.61 14.25
C GLN A 23 -13.99 2.12 15.67
N TYR A 24 -14.31 3.40 15.82
CA TYR A 24 -14.49 4.01 17.13
C TYR A 24 -15.91 4.55 17.32
N GLY A 25 -16.86 4.09 16.52
CA GLY A 25 -18.20 4.63 16.61
C GLY A 25 -18.26 6.06 16.12
N VAL A 26 -19.32 6.75 16.53
CA VAL A 26 -19.51 8.16 16.21
C VAL A 26 -18.47 8.96 16.99
N VAL A 27 -17.47 9.50 16.30
CA VAL A 27 -16.43 10.29 16.95
C VAL A 27 -16.98 11.67 17.26
N GLU A 28 -16.81 12.11 18.50
CA GLU A 28 -17.40 13.37 18.95
C GLU A 28 -16.74 14.55 18.25
N GLY A 29 -17.56 15.37 17.60
CA GLY A 29 -17.07 16.54 16.89
C GLY A 29 -16.66 16.30 15.46
N CYS A 30 -16.69 15.06 14.98
CA CYS A 30 -16.22 14.75 13.63
C CYS A 30 -17.33 14.99 12.63
N THR A 31 -17.10 15.95 11.72
CA THR A 31 -18.05 16.27 10.66
C THR A 31 -17.67 15.65 9.32
N ALA A 32 -16.46 15.13 9.19
CA ALA A 32 -16.01 14.51 7.95
C ALA A 32 -14.96 13.47 8.29
N TYR A 33 -15.15 12.25 7.77
CA TYR A 33 -14.23 11.15 7.98
C TYR A 33 -13.41 10.95 6.72
N PHE A 34 -12.09 11.12 6.82
CA PHE A 34 -11.21 10.87 5.69
C PHE A 34 -10.69 9.45 5.75
N LEU A 35 -10.62 8.80 4.58
CA LEU A 35 -10.00 7.49 4.42
C LEU A 35 -8.86 7.60 3.42
N THR A 36 -7.62 7.35 3.90
CA THR A 36 -6.46 7.53 3.03
C THR A 36 -6.36 6.47 1.95
N HIS A 37 -6.79 5.23 2.24
CA HIS A 37 -6.67 4.16 1.25
C HIS A 37 -7.46 2.93 1.71
N PHE A 38 -7.71 2.03 0.77
CA PHE A 38 -8.57 0.86 1.00
C PHE A 38 -7.73 -0.33 1.47
N HIS A 39 -7.23 -0.21 2.70
CA HIS A 39 -6.56 -1.31 3.40
C HIS A 39 -7.27 -1.57 4.73
N SER A 40 -7.27 -2.84 5.13
CA SER A 40 -8.20 -3.31 6.17
C SER A 40 -7.96 -2.62 7.51
N ASP A 41 -6.69 -2.39 7.88
CA ASP A 41 -6.43 -1.73 9.15
C ASP A 41 -6.82 -0.25 9.14
N HIS A 42 -7.19 0.28 7.99
CA HIS A 42 -7.53 1.69 7.85
C HIS A 42 -9.00 1.94 7.61
N TYR A 43 -9.69 1.08 6.87
CA TYR A 43 -11.14 1.20 6.77
C TYR A 43 -11.88 0.39 7.83
N ALA A 44 -11.15 -0.22 8.77
CA ALA A 44 -11.76 -1.09 9.78
C ALA A 44 -12.90 -0.37 10.49
N GLY A 45 -14.09 -0.97 10.42
CA GLY A 45 -15.30 -0.40 10.97
C GLY A 45 -16.29 0.09 9.92
N LEU A 46 -15.80 0.47 8.74
CA LEU A 46 -16.67 0.90 7.66
C LEU A 46 -17.50 -0.26 7.16
N SER A 47 -18.77 0.02 6.84
CA SER A 47 -19.69 -1.00 6.38
C SER A 47 -20.81 -0.33 5.60
N LYS A 48 -21.71 -1.17 5.07
CA LYS A 48 -22.86 -0.69 4.31
C LYS A 48 -23.75 0.27 5.11
N HIS A 49 -23.64 0.25 6.43
CA HIS A 49 -24.54 1.02 7.29
C HIS A 49 -23.89 2.27 7.87
N PHE A 50 -22.77 2.71 7.30
CA PHE A 50 -22.14 3.96 7.72
C PHE A 50 -22.92 5.13 7.13
N THR A 51 -23.22 6.12 7.96
CA THR A 51 -24.12 7.21 7.57
C THR A 51 -23.51 8.59 7.76
N PHE A 52 -22.19 8.69 7.71
CA PHE A 52 -21.48 9.96 7.77
C PHE A 52 -20.68 10.18 6.50
N PRO A 53 -20.36 11.42 6.16
CA PRO A 53 -19.61 11.67 4.91
C PRO A 53 -18.20 11.10 4.99
N VAL A 54 -17.80 10.42 3.91
CA VAL A 54 -16.46 9.85 3.77
C VAL A 54 -15.76 10.54 2.61
N TYR A 55 -14.58 11.08 2.87
CA TYR A 55 -13.78 11.76 1.85
C TYR A 55 -12.57 10.91 1.52
N CYS A 56 -12.31 10.74 0.23
CA CYS A 56 -11.32 9.76 -0.23
C CYS A 56 -11.02 10.04 -1.70
N SER A 57 -10.07 9.28 -2.25
CA SER A 57 -9.82 9.34 -3.67
C SER A 57 -10.94 8.65 -4.45
N GLU A 58 -10.93 8.88 -5.77
CA GLU A 58 -11.89 8.23 -6.65
C GLU A 58 -11.77 6.71 -6.59
N ILE A 59 -10.55 6.19 -6.64
CA ILE A 59 -10.35 4.74 -6.59
C ILE A 59 -10.82 4.17 -5.27
N THR A 60 -10.48 4.83 -4.16
CA THR A 60 -10.96 4.37 -2.87
C THR A 60 -12.49 4.39 -2.82
N GLY A 61 -13.09 5.41 -3.42
CA GLY A 61 -14.55 5.48 -3.46
C GLY A 61 -15.17 4.36 -4.26
N ASN A 62 -14.53 3.97 -5.37
CA ASN A 62 -15.00 2.82 -6.13
C ASN A 62 -15.03 1.57 -5.27
N LEU A 63 -14.00 1.37 -4.46
CA LEU A 63 -13.92 0.18 -3.62
C LEU A 63 -14.92 0.23 -2.48
N LEU A 64 -15.14 1.42 -1.91
CA LEU A 64 -16.15 1.56 -0.86
C LEU A 64 -17.54 1.19 -1.38
N LYS A 65 -17.87 1.67 -2.59
CA LYS A 65 -19.18 1.41 -3.17
C LYS A 65 -19.35 -0.05 -3.54
N ASN A 66 -18.34 -0.66 -4.18
CA ASN A 66 -18.52 -1.99 -4.76
C ASN A 66 -18.12 -3.12 -3.82
N LYS A 67 -17.11 -2.93 -2.98
CA LYS A 67 -16.66 -3.99 -2.09
C LYS A 67 -17.27 -3.92 -0.70
N LEU A 68 -17.37 -2.73 -0.10
CA LEU A 68 -17.98 -2.57 1.22
C LEU A 68 -19.45 -2.19 1.14
N HIS A 69 -19.94 -1.81 -0.05
N HIS A 69 -19.94 -1.81 -0.05
CA HIS A 69 -21.33 -1.47 -0.28
CA HIS A 69 -21.35 -1.49 -0.26
C HIS A 69 -21.77 -0.26 0.55
C HIS A 69 -21.78 -0.26 0.54
N VAL A 70 -20.86 0.68 0.76
CA VAL A 70 -21.22 1.96 1.35
C VAL A 70 -22.10 2.71 0.38
N GLN A 71 -23.16 3.34 0.89
CA GLN A 71 -24.07 4.06 0.03
C GLN A 71 -23.39 5.25 -0.62
N GLU A 72 -23.70 5.48 -1.90
CA GLU A 72 -23.03 6.51 -2.67
C GLU A 72 -23.27 7.90 -2.09
N GLN A 73 -24.38 8.11 -1.38
CA GLN A 73 -24.68 9.42 -0.83
C GLN A 73 -23.65 9.85 0.21
N TYR A 74 -22.93 8.91 0.80
CA TYR A 74 -21.93 9.22 1.82
C TYR A 74 -20.51 9.18 1.29
N ILE A 75 -20.30 8.81 0.02
CA ILE A 75 -18.98 8.72 -0.57
C ILE A 75 -18.68 10.04 -1.29
N HIS A 76 -17.63 10.75 -0.84
CA HIS A 76 -17.22 12.02 -1.42
C HIS A 76 -15.84 11.87 -2.05
N PRO A 77 -15.75 11.44 -3.30
CA PRO A 77 -14.43 11.32 -3.94
C PRO A 77 -13.89 12.69 -4.33
N LEU A 78 -12.57 12.84 -4.20
CA LEU A 78 -11.88 14.08 -4.53
C LEU A 78 -10.78 13.82 -5.55
N PRO A 79 -10.59 14.72 -6.50
CA PRO A 79 -9.48 14.56 -7.44
C PRO A 79 -8.15 14.79 -6.76
N LEU A 80 -7.10 14.24 -7.36
CA LEU A 80 -5.76 14.47 -6.84
C LEU A 80 -5.22 15.82 -7.30
N ASP A 81 -4.28 16.35 -6.52
CA ASP A 81 -3.52 17.55 -6.89
C ASP A 81 -4.43 18.74 -7.15
N THR A 82 -5.55 18.82 -6.43
CA THR A 82 -6.57 19.82 -6.68
C THR A 82 -7.03 20.41 -5.36
N GLU A 83 -6.96 21.73 -5.24
CA GLU A 83 -7.45 22.39 -4.04
C GLU A 83 -8.97 22.24 -3.95
N CYS A 84 -9.43 21.64 -2.85
CA CYS A 84 -10.85 21.43 -2.60
C CYS A 84 -11.19 22.02 -1.24
N ILE A 85 -12.46 22.32 -1.03
CA ILE A 85 -12.92 22.85 0.25
C ILE A 85 -13.89 21.84 0.86
N VAL A 86 -13.56 21.38 2.06
CA VAL A 86 -14.38 20.43 2.80
C VAL A 86 -14.75 21.08 4.12
N ASN A 87 -16.05 21.28 4.35
CA ASN A 87 -16.57 21.90 5.56
C ASN A 87 -15.79 23.16 5.91
N GLY A 88 -15.59 24.01 4.90
CA GLY A 88 -14.93 25.29 5.09
C GLY A 88 -13.42 25.24 5.24
N VAL A 89 -12.77 24.12 4.94
CA VAL A 89 -11.33 23.97 5.08
C VAL A 89 -10.75 23.54 3.74
N LYS A 90 -9.68 24.20 3.31
CA LYS A 90 -9.00 23.81 2.07
C LYS A 90 -8.17 22.55 2.29
N VAL A 91 -8.35 21.56 1.42
CA VAL A 91 -7.61 20.31 1.47
C VAL A 91 -7.10 19.97 0.08
N VAL A 92 -6.00 19.21 0.05
CA VAL A 92 -5.45 18.66 -1.19
C VAL A 92 -5.10 17.20 -0.95
N LEU A 93 -5.46 16.35 -1.90
CA LEU A 93 -5.04 14.95 -1.89
C LEU A 93 -3.84 14.78 -2.82
N LEU A 94 -2.82 14.08 -2.33
CA LEU A 94 -1.59 13.82 -3.07
C LEU A 94 -1.37 12.32 -3.16
N ASP A 95 -0.80 11.86 -4.28
CA ASP A 95 -0.52 10.43 -4.39
C ASP A 95 0.50 10.00 -3.35
N ALA A 96 0.20 8.91 -2.65
CA ALA A 96 1.04 8.43 -1.57
C ALA A 96 2.07 7.39 -2.00
N ASN A 97 2.06 6.95 -3.26
CA ASN A 97 2.96 5.89 -3.72
C ASN A 97 2.90 4.68 -2.79
N HIS A 98 1.66 4.27 -2.47
CA HIS A 98 1.40 3.12 -1.62
C HIS A 98 0.69 2.11 -2.49
N CYS A 99 -0.61 1.94 -2.34
CA CYS A 99 -1.43 1.07 -3.17
C CYS A 99 -2.33 1.94 -4.05
N PRO A 100 -3.03 1.34 -5.02
CA PRO A 100 -3.93 2.15 -5.86
C PRO A 100 -4.96 2.92 -5.03
N GLY A 101 -5.12 4.20 -5.34
CA GLY A 101 -6.05 5.06 -4.64
C GLY A 101 -5.55 5.65 -3.34
N ALA A 102 -4.34 5.30 -2.90
CA ALA A 102 -3.82 5.78 -1.63
C ALA A 102 -3.35 7.23 -1.74
N VAL A 103 -3.71 8.04 -0.74
CA VAL A 103 -3.39 9.45 -0.77
C VAL A 103 -2.75 9.90 0.55
N MET A 104 -1.99 10.98 0.45
CA MET A 104 -1.67 11.87 1.55
C MET A 104 -2.61 13.06 1.49
N ILE A 105 -2.88 13.68 2.64
CA ILE A 105 -3.84 14.77 2.74
C ILE A 105 -3.15 16.00 3.30
N LEU A 106 -3.26 17.10 2.58
CA LEU A 106 -2.78 18.40 3.04
C LEU A 106 -3.98 19.18 3.56
N PHE A 107 -3.91 19.60 4.82
CA PHE A 107 -4.96 20.42 5.44
C PHE A 107 -4.44 21.83 5.64
N TYR A 108 -5.19 22.81 5.14
CA TYR A 108 -4.87 24.23 5.31
C TYR A 108 -5.84 24.80 6.36
N LEU A 109 -5.37 24.87 7.60
CA LEU A 109 -6.24 25.30 8.69
C LEU A 109 -6.54 26.80 8.57
N PRO A 110 -7.71 27.22 9.05
CA PRO A 110 -8.06 28.65 8.93
C PRO A 110 -7.09 29.57 9.66
N ASN A 111 -6.44 29.10 10.72
CA ASN A 111 -5.50 29.92 11.47
C ASN A 111 -4.13 30.02 10.81
N GLY A 112 -3.93 29.38 9.65
CA GLY A 112 -2.67 29.40 8.95
C GLY A 112 -1.81 28.17 9.13
N THR A 113 -2.18 27.28 10.04
CA THR A 113 -1.45 26.02 10.20
C THR A 113 -1.64 25.14 8.98
N VAL A 114 -0.55 24.51 8.54
CA VAL A 114 -0.59 23.54 7.45
C VAL A 114 -0.18 22.18 8.01
N ILE A 115 -1.02 21.17 7.77
CA ILE A 115 -0.82 19.82 8.29
C ILE A 115 -0.77 18.86 7.10
N LEU A 116 0.25 18.01 7.08
CA LEU A 116 0.32 16.93 6.09
C LEU A 116 0.14 15.60 6.83
N HIS A 117 -0.84 14.83 6.40
CA HIS A 117 -1.03 13.46 6.88
C HIS A 117 -0.62 12.53 5.73
N THR A 118 0.41 11.71 5.95
CA THR A 118 0.91 10.91 4.84
C THR A 118 0.08 9.67 4.56
N GLY A 119 -0.92 9.36 5.38
CA GLY A 119 -1.52 8.04 5.33
C GLY A 119 -0.42 7.00 5.40
N ASP A 120 -0.58 5.90 4.66
CA ASP A 120 0.52 5.00 4.36
C ASP A 120 1.20 5.48 3.08
N PHE A 121 2.53 5.56 3.08
CA PHE A 121 3.21 6.03 1.88
C PHE A 121 4.59 5.41 1.75
N ARG A 122 5.11 5.41 0.53
CA ARG A 122 6.51 5.11 0.27
C ARG A 122 7.14 6.39 -0.29
N ALA A 123 7.86 7.11 0.58
CA ALA A 123 8.43 8.39 0.19
C ALA A 123 9.29 8.25 -1.05
N ASP A 124 9.20 9.23 -1.93
CA ASP A 124 9.95 9.25 -3.18
C ASP A 124 10.38 10.67 -3.48
N PRO A 125 11.55 10.85 -4.09
CA PRO A 125 11.99 12.21 -4.43
C PRO A 125 11.01 12.97 -5.31
N SER A 126 10.18 12.28 -6.10
CA SER A 126 9.18 12.97 -6.91
C SER A 126 8.19 13.76 -6.06
N MET A 127 8.01 13.38 -4.79
CA MET A 127 7.13 14.15 -3.90
C MET A 127 7.70 15.52 -3.58
N GLU A 128 9.01 15.70 -3.77
CA GLU A 128 9.64 16.99 -3.50
C GLU A 128 9.29 18.03 -4.56
N ARG A 129 8.62 17.62 -5.64
CA ARG A 129 8.15 18.53 -6.68
C ARG A 129 6.63 18.52 -6.80
N SER A 130 5.94 18.07 -5.77
CA SER A 130 4.49 18.09 -5.74
C SER A 130 4.03 19.45 -5.23
N LEU A 131 2.74 19.56 -4.91
CA LEU A 131 2.22 20.76 -4.27
C LEU A 131 2.85 21.02 -2.90
N LEU A 132 3.64 20.07 -2.38
CA LEU A 132 4.32 20.27 -1.10
C LEU A 132 5.46 21.26 -1.19
N ALA A 133 6.03 21.48 -2.38
CA ALA A 133 7.16 22.39 -2.48
C ALA A 133 6.77 23.83 -2.19
N ASP A 134 5.49 24.17 -2.42
CA ASP A 134 4.96 25.50 -2.18
C ASP A 134 4.62 25.77 -0.74
N GLN A 135 4.86 24.82 0.15
CA GLN A 135 4.22 24.82 1.46
C GLN A 135 5.24 24.68 2.57
N LYS A 136 5.22 25.62 3.51
CA LYS A 136 5.70 25.31 4.85
C LYS A 136 4.66 24.41 5.52
N VAL A 137 5.13 23.33 6.14
CA VAL A 137 4.27 22.36 6.80
C VAL A 137 4.60 22.40 8.28
N HIS A 138 3.61 22.69 9.11
CA HIS A 138 3.87 22.84 10.54
C HIS A 138 3.81 21.50 11.26
N MET A 139 2.85 20.64 10.90
CA MET A 139 2.69 19.35 11.57
C MET A 139 2.64 18.25 10.52
N LEU A 140 3.40 17.18 10.76
CA LEU A 140 3.48 16.03 9.86
C LEU A 140 2.99 14.80 10.61
N TYR A 141 1.89 14.21 10.14
CA TYR A 141 1.41 12.92 10.67
C TYR A 141 2.04 11.86 9.79
N LEU A 142 3.03 11.15 10.32
CA LEU A 142 4.00 10.42 9.52
C LEU A 142 3.82 8.92 9.63
N ASP A 143 3.72 8.25 8.48
CA ASP A 143 3.80 6.78 8.40
C ASP A 143 5.22 6.34 8.77
N THR A 144 5.36 5.87 10.00
CA THR A 144 6.64 5.48 10.59
C THR A 144 6.82 3.96 10.63
N THR A 145 6.14 3.24 9.74
CA THR A 145 6.18 1.77 9.74
C THR A 145 7.61 1.23 9.89
N TYR A 146 8.54 1.74 9.08
CA TYR A 146 9.89 1.21 9.03
C TYR A 146 10.91 2.24 9.49
N CYS A 147 10.59 2.95 10.57
CA CYS A 147 11.44 4.04 11.07
C CYS A 147 12.54 3.46 11.97
N SER A 148 13.46 2.74 11.35
CA SER A 148 14.65 2.23 12.01
C SER A 148 15.66 1.88 10.92
N PRO A 149 16.95 2.13 11.13
CA PRO A 149 17.92 1.98 10.05
C PRO A 149 18.12 0.55 9.57
N GLU A 150 17.73 -0.46 10.35
CA GLU A 150 17.85 -1.83 9.85
C GLU A 150 16.88 -2.11 8.71
N TYR A 151 15.88 -1.28 8.53
CA TYR A 151 14.88 -1.51 7.48
C TYR A 151 15.41 -0.94 6.17
N THR A 152 16.08 -1.81 5.43
CA THR A 152 16.52 -1.54 4.07
C THR A 152 15.86 -2.58 3.17
N PHE A 153 15.42 -2.13 2.00
CA PHE A 153 14.98 -3.06 0.97
C PHE A 153 15.20 -2.41 -0.39
N PRO A 154 15.20 -3.19 -1.47
CA PRO A 154 15.54 -2.63 -2.78
C PRO A 154 14.43 -1.75 -3.31
N SER A 155 14.73 -1.08 -4.43
CA SER A 155 13.69 -0.37 -5.14
C SER A 155 12.67 -1.36 -5.69
N GLN A 156 11.45 -0.87 -5.91
CA GLN A 156 10.43 -1.68 -6.56
C GLN A 156 10.89 -2.12 -7.94
N GLN A 157 11.61 -1.26 -8.66
CA GLN A 157 12.13 -1.61 -9.98
C GLN A 157 13.05 -2.83 -9.92
N GLU A 158 13.98 -2.84 -8.96
CA GLU A 158 14.90 -3.98 -8.82
C GLU A 158 14.14 -5.26 -8.50
N VAL A 159 13.13 -5.18 -7.64
CA VAL A 159 12.40 -6.37 -7.25
C VAL A 159 11.62 -6.93 -8.44
N ILE A 160 10.99 -6.04 -9.21
CA ILE A 160 10.22 -6.48 -10.38
C ILE A 160 11.15 -7.10 -11.42
N ARG A 161 12.34 -6.52 -11.61
CA ARG A 161 13.31 -7.10 -12.54
C ARG A 161 13.67 -8.52 -12.12
N PHE A 162 13.91 -8.74 -10.82
CA PHE A 162 14.20 -10.08 -10.34
C PHE A 162 13.03 -11.02 -10.60
N ALA A 163 11.80 -10.57 -10.33
CA ALA A 163 10.63 -11.43 -10.52
C ALA A 163 10.42 -11.79 -11.98
N ILE A 164 10.55 -10.80 -12.88
CA ILE A 164 10.38 -11.04 -14.30
C ILE A 164 11.42 -12.03 -14.81
N ASN A 165 12.67 -11.81 -14.45
CA ASN A 165 13.75 -12.66 -14.94
C ASN A 165 13.59 -14.08 -14.40
N THR A 166 13.21 -14.22 -13.13
CA THR A 166 13.05 -15.53 -12.52
C THR A 166 11.91 -16.30 -13.17
N ALA A 167 10.77 -15.63 -13.38
CA ALA A 167 9.61 -16.29 -13.98
C ALA A 167 9.86 -16.63 -15.44
N PHE A 168 10.44 -15.70 -16.20
CA PHE A 168 10.69 -15.99 -17.61
C PHE A 168 11.65 -17.16 -17.78
N GLU A 169 12.70 -17.21 -16.96
CA GLU A 169 13.64 -18.33 -17.07
C GLU A 169 12.97 -19.65 -16.76
N ALA A 170 12.20 -19.70 -15.66
CA ALA A 170 11.61 -20.97 -15.23
C ALA A 170 10.63 -21.51 -16.26
N VAL A 171 9.81 -20.62 -16.84
CA VAL A 171 8.77 -21.08 -17.76
C VAL A 171 9.35 -21.35 -19.14
N THR A 172 10.42 -20.64 -19.53
CA THR A 172 11.08 -20.98 -20.79
C THR A 172 11.78 -22.32 -20.69
N LEU A 173 12.34 -22.64 -19.52
CA LEU A 173 12.93 -23.97 -19.33
C LEU A 173 11.86 -25.06 -19.27
N ASN A 174 10.72 -24.78 -18.64
CA ASN A 174 9.62 -25.73 -18.54
C ASN A 174 8.31 -25.03 -18.89
N PRO A 175 7.89 -25.12 -20.15
CA PRO A 175 6.60 -24.50 -20.54
C PRO A 175 5.40 -25.02 -19.77
N HIS A 176 5.52 -26.13 -19.05
CA HIS A 176 4.44 -26.67 -18.25
C HIS A 176 4.52 -26.24 -16.79
N ALA A 177 5.28 -25.20 -16.49
CA ALA A 177 5.32 -24.64 -15.14
C ALA A 177 4.27 -23.54 -15.01
N LEU A 178 3.53 -23.58 -13.91
CA LEU A 178 2.56 -22.56 -13.57
C LEU A 178 3.19 -21.54 -12.63
N VAL A 179 2.90 -20.26 -12.86
CA VAL A 179 3.34 -19.21 -11.94
C VAL A 179 2.16 -18.79 -11.09
N VAL A 180 2.35 -18.74 -9.77
CA VAL A 180 1.34 -18.32 -8.83
C VAL A 180 1.88 -17.13 -8.04
N CYS A 181 1.05 -16.11 -7.85
N CYS A 181 1.05 -16.11 -7.86
CA CYS A 181 1.37 -14.96 -7.02
CA CYS A 181 1.38 -14.97 -7.01
C CYS A 181 0.34 -14.86 -5.90
C CYS A 181 0.34 -14.86 -5.90
N GLY A 182 0.82 -14.66 -4.68
CA GLY A 182 -0.07 -14.50 -3.54
C GLY A 182 -0.48 -13.05 -3.37
N THR A 183 -1.73 -12.85 -2.92
CA THR A 183 -2.27 -11.51 -2.69
C THR A 183 -3.29 -11.56 -1.55
N TYR A 184 -3.40 -10.45 -0.83
CA TYR A 184 -4.58 -10.26 0.02
C TYR A 184 -5.13 -8.86 -0.16
N SER A 185 -4.37 -7.86 0.28
CA SER A 185 -4.78 -6.48 0.11
C SER A 185 -4.49 -6.03 -1.32
N ILE A 186 -5.20 -4.98 -1.74
CA ILE A 186 -4.78 -4.29 -2.95
C ILE A 186 -3.37 -3.78 -2.74
N GLY A 187 -2.73 -3.41 -3.85
CA GLY A 187 -1.33 -3.05 -3.82
C GLY A 187 -0.47 -4.17 -4.40
N LYS A 188 0.73 -3.77 -4.84
CA LYS A 188 1.74 -4.69 -5.37
C LYS A 188 1.27 -5.40 -6.64
N GLU A 189 0.30 -4.80 -7.35
CA GLU A 189 -0.21 -5.39 -8.58
C GLU A 189 0.88 -5.52 -9.63
N LYS A 190 1.90 -4.66 -9.59
CA LYS A 190 2.97 -4.71 -10.58
C LYS A 190 3.66 -6.06 -10.59
N VAL A 191 3.67 -6.77 -9.45
CA VAL A 191 4.35 -8.07 -9.41
C VAL A 191 3.73 -9.02 -10.41
N PHE A 192 2.41 -9.24 -10.31
CA PHE A 192 1.80 -10.23 -11.18
C PHE A 192 1.54 -9.69 -12.57
N LEU A 193 1.33 -8.38 -12.71
CA LEU A 193 1.17 -7.81 -14.05
C LEU A 193 2.45 -7.90 -14.86
N ALA A 194 3.59 -7.58 -14.24
CA ALA A 194 4.85 -7.63 -14.97
C ALA A 194 5.22 -9.05 -15.37
N ILE A 195 4.96 -10.02 -14.50
CA ILE A 195 5.27 -11.42 -14.80
C ILE A 195 4.38 -11.92 -15.93
N ALA A 196 3.08 -11.62 -15.86
CA ALA A 196 2.17 -12.06 -16.92
C ALA A 196 2.57 -11.45 -18.25
N ASP A 197 3.01 -10.19 -18.25
CA ASP A 197 3.41 -9.53 -19.48
C ASP A 197 4.60 -10.24 -20.13
N VAL A 198 5.62 -10.58 -19.34
CA VAL A 198 6.79 -11.24 -19.91
C VAL A 198 6.48 -12.66 -20.35
N LEU A 199 5.42 -13.27 -19.81
CA LEU A 199 5.01 -14.61 -20.22
C LEU A 199 3.94 -14.60 -21.30
N GLY A 200 3.49 -13.43 -21.74
CA GLY A 200 2.48 -13.37 -22.78
C GLY A 200 1.15 -13.95 -22.36
N SER A 201 0.74 -13.70 -21.13
CA SER A 201 -0.46 -14.30 -20.57
C SER A 201 -1.27 -13.24 -19.85
N LYS A 202 -2.57 -13.48 -19.75
CA LYS A 202 -3.38 -12.74 -18.79
C LYS A 202 -3.23 -13.37 -17.41
N VAL A 203 -3.66 -12.65 -16.39
CA VAL A 203 -3.61 -13.12 -15.01
C VAL A 203 -4.99 -13.67 -14.65
N GLY A 204 -5.04 -14.95 -14.28
CA GLY A 204 -6.28 -15.56 -13.85
C GLY A 204 -6.46 -15.44 -12.34
N MET A 205 -7.72 -15.24 -11.94
CA MET A 205 -8.01 -14.99 -10.53
C MET A 205 -9.47 -15.29 -10.26
N SER A 206 -9.82 -15.28 -8.97
CA SER A 206 -11.20 -15.47 -8.54
C SER A 206 -12.07 -14.30 -8.98
N GLN A 207 -13.39 -14.54 -8.95
CA GLN A 207 -14.33 -13.47 -9.27
C GLN A 207 -14.19 -12.31 -8.29
N GLU A 208 -13.95 -12.60 -7.01
CA GLU A 208 -13.86 -11.55 -6.01
C GLU A 208 -12.62 -10.68 -6.22
N LYS A 209 -11.49 -11.30 -6.56
CA LYS A 209 -10.28 -10.53 -6.84
C LYS A 209 -10.43 -9.76 -8.15
N TYR A 210 -11.08 -10.36 -9.15
CA TYR A 210 -11.35 -9.67 -10.39
C TYR A 210 -12.18 -8.41 -10.15
N LYS A 211 -13.23 -8.52 -9.33
CA LYS A 211 -14.05 -7.38 -8.97
C LYS A 211 -13.21 -6.27 -8.36
N THR A 212 -12.32 -6.64 -7.44
CA THR A 212 -11.46 -5.65 -6.79
C THR A 212 -10.59 -4.91 -7.80
N LEU A 213 -9.94 -5.65 -8.70
CA LEU A 213 -9.06 -4.99 -9.66
C LEU A 213 -9.84 -4.12 -10.63
N GLN A 214 -11.10 -4.46 -10.91
CA GLN A 214 -11.92 -3.65 -11.80
C GLN A 214 -12.21 -2.27 -11.23
N CYS A 215 -12.02 -2.05 -9.93
CA CYS A 215 -12.29 -0.78 -9.30
C CYS A 215 -11.09 0.18 -9.32
N LEU A 216 -9.94 -0.25 -9.83
CA LEU A 216 -8.68 0.44 -9.62
C LEU A 216 -8.26 1.38 -10.73
N ASN A 217 -9.10 1.56 -11.76
CA ASN A 217 -8.79 2.46 -12.88
C ASN A 217 -7.41 2.17 -13.49
N ILE A 218 -7.07 0.89 -13.59
CA ILE A 218 -5.80 0.52 -14.22
C ILE A 218 -5.98 0.54 -15.74
N PRO A 219 -5.11 1.23 -16.48
CA PRO A 219 -5.28 1.31 -17.94
C PRO A 219 -5.25 -0.06 -18.58
N GLU A 220 -6.23 -0.30 -19.46
CA GLU A 220 -6.28 -1.52 -20.29
C GLU A 220 -6.31 -2.79 -19.44
N ILE A 221 -7.00 -2.72 -18.30
CA ILE A 221 -7.01 -3.84 -17.37
C ILE A 221 -7.73 -5.05 -17.97
N ASN A 222 -8.74 -4.82 -18.82
CA ASN A 222 -9.46 -5.93 -19.41
C ASN A 222 -8.58 -6.74 -20.35
N SER A 223 -7.48 -6.17 -20.83
CA SER A 223 -6.50 -6.91 -21.61
C SER A 223 -5.52 -7.69 -20.75
N LEU A 224 -5.55 -7.49 -19.42
CA LEU A 224 -4.52 -8.04 -18.55
C LEU A 224 -5.02 -9.10 -17.57
N ILE A 225 -6.31 -9.11 -17.22
CA ILE A 225 -6.82 -10.00 -16.19
C ILE A 225 -8.05 -10.75 -16.68
N THR A 226 -8.32 -11.89 -16.05
CA THR A 226 -9.41 -12.76 -16.46
C THR A 226 -9.82 -13.64 -15.28
N THR A 227 -11.07 -14.11 -15.32
CA THR A 227 -11.54 -15.13 -14.41
C THR A 227 -11.45 -16.53 -15.01
N ASP A 228 -11.02 -16.65 -16.28
CA ASP A 228 -10.87 -17.94 -16.93
C ASP A 228 -9.48 -18.47 -16.58
N MET A 229 -9.42 -19.26 -15.51
CA MET A 229 -8.13 -19.78 -15.03
C MET A 229 -7.44 -20.65 -16.07
N CYS A 230 -8.22 -21.39 -16.87
CA CYS A 230 -7.62 -22.30 -17.84
C CYS A 230 -6.84 -21.57 -18.92
N SER A 231 -7.23 -20.33 -19.22
CA SER A 231 -6.57 -19.55 -20.26
C SER A 231 -5.33 -18.81 -19.76
N SER A 232 -4.99 -18.94 -18.48
CA SER A 232 -3.98 -18.13 -17.84
C SER A 232 -2.80 -18.99 -17.38
N LEU A 233 -1.58 -18.50 -17.64
CA LEU A 233 -0.36 -19.12 -17.15
C LEU A 233 0.12 -18.51 -15.85
N VAL A 234 -0.55 -17.48 -15.36
CA VAL A 234 -0.23 -16.82 -14.10
C VAL A 234 -1.52 -16.74 -13.29
N HIS A 235 -1.53 -17.36 -12.11
CA HIS A 235 -2.70 -17.40 -11.24
C HIS A 235 -2.46 -16.60 -9.98
N LEU A 236 -3.50 -15.91 -9.52
CA LEU A 236 -3.49 -15.27 -8.21
C LEU A 236 -4.19 -16.17 -7.21
N LEU A 237 -3.61 -16.27 -6.02
CA LEU A 237 -4.20 -17.01 -4.91
C LEU A 237 -4.10 -16.17 -3.65
N PRO A 238 -4.99 -16.40 -2.69
CA PRO A 238 -4.84 -15.77 -1.37
C PRO A 238 -3.47 -16.07 -0.79
N MET A 239 -2.90 -15.06 -0.13
CA MET A 239 -1.55 -15.20 0.44
C MET A 239 -1.44 -16.40 1.35
N MET A 240 -2.52 -16.74 2.05
CA MET A 240 -2.52 -17.87 2.98
C MET A 240 -2.33 -19.21 2.28
N GLN A 241 -2.66 -19.30 1.00
CA GLN A 241 -2.48 -20.54 0.25
C GLN A 241 -1.07 -20.67 -0.34
N ILE A 242 -0.21 -19.66 -0.16
CA ILE A 242 1.12 -19.73 -0.72
C ILE A 242 2.00 -20.52 0.24
N ASN A 243 1.82 -21.83 0.23
CA ASN A 243 2.58 -22.79 1.01
C ASN A 243 2.51 -24.11 0.27
N PHE A 244 3.40 -25.03 0.66
CA PHE A 244 3.54 -26.28 -0.11
C PHE A 244 2.23 -27.05 -0.18
N LYS A 245 1.48 -27.09 0.92
CA LYS A 245 0.20 -27.81 0.92
C LYS A 245 -0.83 -27.11 0.04
N GLY A 246 -0.98 -25.80 0.20
CA GLY A 246 -1.95 -25.08 -0.61
C GLY A 246 -1.63 -25.10 -2.09
N LEU A 247 -0.34 -25.04 -2.41
CA LEU A 247 0.06 -25.02 -3.82
C LEU A 247 -0.07 -26.40 -4.45
N GLN A 248 0.28 -27.46 -3.71
CA GLN A 248 0.02 -28.82 -4.19
C GLN A 248 -1.46 -29.03 -4.47
N SER A 249 -2.32 -28.53 -3.59
CA SER A 249 -3.77 -28.63 -3.80
C SER A 249 -4.18 -27.90 -5.08
N HIS A 250 -3.65 -26.70 -5.30
CA HIS A 250 -4.01 -25.94 -6.49
C HIS A 250 -3.52 -26.63 -7.76
N LEU A 251 -2.34 -27.25 -7.71
CA LEU A 251 -1.81 -27.92 -8.91
C LEU A 251 -2.70 -29.09 -9.33
N LYS A 252 -3.26 -29.81 -8.35
CA LYS A 252 -4.16 -30.92 -8.67
C LYS A 252 -5.41 -30.42 -9.41
N LYS A 253 -5.93 -29.26 -9.01
CA LYS A 253 -7.15 -28.74 -9.63
C LYS A 253 -6.92 -28.27 -11.05
N CYS A 254 -5.67 -28.16 -11.51
CA CYS A 254 -5.41 -27.69 -12.86
C CYS A 254 -5.49 -28.80 -13.89
N GLY A 255 -5.87 -30.00 -13.48
CA GLY A 255 -6.15 -31.08 -14.43
C GLY A 255 -4.97 -31.49 -15.28
N GLY A 256 -3.79 -31.60 -14.70
CA GLY A 256 -2.65 -32.10 -15.45
C GLY A 256 -2.15 -31.17 -16.53
N LYS A 257 -2.55 -29.89 -16.51
CA LYS A 257 -2.00 -28.94 -17.45
C LYS A 257 -0.57 -28.54 -17.08
N TYR A 258 -0.24 -28.60 -15.80
CA TYR A 258 1.04 -28.14 -15.28
C TYR A 258 1.68 -29.24 -14.45
N ASN A 259 3.01 -29.28 -14.44
CA ASN A 259 3.77 -30.23 -13.63
C ASN A 259 4.76 -29.56 -12.69
N GLN A 260 4.60 -28.25 -12.46
CA GLN A 260 5.53 -27.49 -11.64
C GLN A 260 4.87 -26.16 -11.29
N ILE A 261 5.15 -25.65 -10.10
CA ILE A 261 4.67 -24.33 -9.69
C ILE A 261 5.85 -23.49 -9.24
N LEU A 262 5.95 -22.29 -9.77
CA LEU A 262 6.81 -21.23 -9.26
C LEU A 262 5.90 -20.20 -8.60
N ALA A 263 6.07 -19.98 -7.30
CA ALA A 263 5.18 -19.07 -6.57
C ALA A 263 5.95 -17.90 -6.00
N PHE A 264 5.29 -16.73 -5.96
CA PHE A 264 5.85 -15.52 -5.40
C PHE A 264 5.00 -15.04 -4.24
N ARG A 265 5.63 -14.75 -3.11
CA ARG A 265 4.97 -14.18 -1.96
C ARG A 265 5.54 -12.78 -1.75
N PRO A 266 4.84 -11.74 -2.19
CA PRO A 266 5.31 -10.36 -1.95
C PRO A 266 5.17 -10.03 -0.48
N THR A 267 6.30 -9.81 0.17
CA THR A 267 6.31 -9.41 1.57
C THR A 267 6.74 -7.96 1.67
N GLY A 268 6.64 -7.42 2.89
CA GLY A 268 7.32 -6.19 3.19
C GLY A 268 8.77 -6.49 3.51
N TRP A 269 9.30 -5.87 4.55
CA TRP A 269 10.66 -6.17 4.99
C TRP A 269 10.70 -7.48 5.76
N THR A 270 11.74 -8.27 5.50
CA THR A 270 12.10 -9.41 6.32
C THR A 270 13.59 -9.32 6.63
N HIS A 271 13.98 -9.79 7.81
CA HIS A 271 15.39 -9.73 8.20
C HIS A 271 16.29 -10.54 7.27
N SER A 272 15.71 -11.36 6.39
CA SER A 272 16.49 -11.89 5.28
C SER A 272 17.13 -10.76 4.47
N ASN A 273 16.46 -9.61 4.41
CA ASN A 273 17.05 -8.43 3.76
C ASN A 273 18.35 -8.03 4.43
N LYS A 274 18.43 -8.18 5.76
CA LYS A 274 19.64 -7.79 6.47
C LYS A 274 20.84 -8.66 6.11
N PHE A 275 20.60 -9.81 5.48
CA PHE A 275 21.68 -10.72 5.11
C PHE A 275 21.81 -10.98 3.61
N THR A 276 20.76 -10.75 2.82
CA THR A 276 20.75 -11.15 1.42
C THR A 276 20.34 -9.99 0.53
N ARG A 277 21.06 -9.83 -0.57
CA ARG A 277 20.69 -8.90 -1.62
C ARG A 277 19.70 -9.58 -2.57
N ILE A 278 18.98 -8.76 -3.35
CA ILE A 278 17.87 -9.28 -4.14
C ILE A 278 18.35 -10.31 -5.16
N ALA A 279 19.55 -10.09 -5.73
CA ALA A 279 20.07 -11.02 -6.73
C ALA A 279 20.42 -12.38 -6.13
N ASP A 280 20.68 -12.46 -4.83
CA ASP A 280 21.05 -13.69 -4.17
C ASP A 280 19.86 -14.38 -3.51
N VAL A 281 18.65 -13.86 -3.71
CA VAL A 281 17.47 -14.48 -3.12
C VAL A 281 17.26 -15.86 -3.74
N ILE A 282 16.99 -16.84 -2.89
CA ILE A 282 16.73 -18.21 -3.33
C ILE A 282 15.38 -18.64 -2.77
N PRO A 283 14.73 -19.60 -3.40
CA PRO A 283 13.40 -20.02 -2.96
C PRO A 283 13.44 -21.17 -1.95
N GLN A 284 12.30 -21.38 -1.30
CA GLN A 284 12.02 -22.61 -0.59
C GLN A 284 11.44 -23.61 -1.57
N THR A 285 12.00 -24.81 -1.61
CA THR A 285 11.61 -25.80 -2.61
C THR A 285 11.23 -27.12 -1.94
N LYS A 286 10.12 -27.70 -2.42
CA LYS A 286 9.71 -29.05 -2.02
C LYS A 286 9.18 -29.75 -3.27
N GLY A 287 9.96 -30.67 -3.81
CA GLY A 287 9.51 -31.38 -5.00
C GLY A 287 9.44 -30.44 -6.18
N ASN A 288 8.27 -30.39 -6.83
CA ASN A 288 8.06 -29.58 -8.01
C ASN A 288 7.47 -28.21 -7.69
N ILE A 289 7.62 -27.72 -6.46
CA ILE A 289 7.08 -26.43 -6.03
C ILE A 289 8.19 -25.59 -5.43
N SER A 290 8.32 -24.35 -5.89
CA SER A 290 9.29 -23.40 -5.37
C SER A 290 8.57 -22.11 -4.99
N ILE A 291 8.93 -21.54 -3.84
CA ILE A 291 8.29 -20.34 -3.31
C ILE A 291 9.36 -19.28 -3.07
N TYR A 292 9.21 -18.14 -3.74
CA TYR A 292 10.12 -17.00 -3.57
C TYR A 292 9.45 -15.95 -2.70
N GLY A 293 10.10 -15.56 -1.61
CA GLY A 293 9.64 -14.39 -0.89
C GLY A 293 10.40 -13.18 -1.39
N ILE A 294 9.72 -12.17 -1.92
CA ILE A 294 10.37 -11.04 -2.55
C ILE A 294 10.00 -9.77 -1.78
N PRO A 295 10.98 -8.91 -1.45
CA PRO A 295 10.75 -7.74 -0.57
C PRO A 295 10.20 -6.54 -1.34
N TYR A 296 8.98 -6.69 -1.84
CA TYR A 296 8.28 -5.60 -2.53
C TYR A 296 7.54 -4.77 -1.49
N SER A 297 8.09 -3.62 -1.13
CA SER A 297 7.48 -2.79 -0.10
C SER A 297 6.71 -1.63 -0.71
N GLU A 298 5.57 -1.33 -0.13
CA GLU A 298 4.86 -0.10 -0.44
C GLU A 298 4.89 0.90 0.73
N HIS A 299 5.85 0.72 1.65
CA HIS A 299 6.16 1.69 2.70
C HIS A 299 7.58 2.20 2.52
N SER A 300 7.83 3.42 3.02
CA SER A 300 9.16 4.00 2.99
C SER A 300 10.19 3.11 3.68
N SER A 301 11.34 2.93 3.06
CA SER A 301 12.50 2.49 3.83
C SER A 301 12.92 3.58 4.81
N TYR A 302 13.81 3.23 5.73
CA TYR A 302 14.31 4.24 6.67
C TYR A 302 14.93 5.42 5.93
N LEU A 303 15.81 5.14 4.97
CA LEU A 303 16.51 6.22 4.27
C LEU A 303 15.55 7.06 3.42
N GLU A 304 14.54 6.42 2.82
CA GLU A 304 13.56 7.18 2.06
C GLU A 304 12.75 8.10 2.96
N MET A 305 12.34 7.59 4.12
CA MET A 305 11.59 8.38 5.10
C MET A 305 12.43 9.55 5.60
N LYS A 306 13.69 9.27 5.95
CA LYS A 306 14.59 10.31 6.44
C LYS A 306 14.79 11.40 5.41
N ARG A 307 15.00 11.03 4.14
CA ARG A 307 15.19 12.04 3.10
C ARG A 307 13.95 12.92 2.98
N PHE A 308 12.75 12.32 2.99
CA PHE A 308 11.53 13.09 2.84
C PHE A 308 11.36 14.08 3.99
N VAL A 309 11.55 13.62 5.23
CA VAL A 309 11.33 14.49 6.39
C VAL A 309 12.37 15.61 6.44
N GLN A 310 13.63 15.29 6.10
CA GLN A 310 14.67 16.32 6.10
C GLN A 310 14.44 17.36 5.00
N TRP A 311 13.80 16.95 3.90
CA TRP A 311 13.43 17.93 2.87
C TRP A 311 12.25 18.78 3.30
N LEU A 312 11.23 18.13 3.90
CA LEU A 312 10.01 18.85 4.28
C LEU A 312 10.24 19.81 5.45
N LYS A 313 11.13 19.46 6.36
CA LYS A 313 11.45 20.28 7.53
C LYS A 313 10.22 20.65 8.36
N PRO A 314 9.43 19.67 8.81
CA PRO A 314 8.26 19.99 9.62
C PRO A 314 8.65 20.50 11.00
N GLN A 315 7.77 21.34 11.56
CA GLN A 315 8.01 21.84 12.92
C GLN A 315 7.71 20.78 13.97
N LYS A 316 6.77 19.88 13.70
CA LYS A 316 6.39 18.84 14.65
C LYS A 316 6.01 17.59 13.88
N ILE A 317 6.41 16.43 14.40
CA ILE A 317 6.12 15.15 13.78
C ILE A 317 5.27 14.33 14.74
N ILE A 318 4.17 13.78 14.23
CA ILE A 318 3.30 12.90 14.99
C ILE A 318 3.33 11.53 14.31
N PRO A 319 3.96 10.53 14.90
CA PRO A 319 3.94 9.19 14.29
C PRO A 319 2.55 8.59 14.31
N THR A 320 2.22 7.84 13.25
CA THR A 320 0.95 7.14 13.15
C THR A 320 1.09 5.63 13.18
N VAL A 321 2.32 5.11 13.24
CA VAL A 321 2.59 3.68 13.27
C VAL A 321 3.66 3.41 14.34
N ASN A 322 3.56 2.25 15.00
CA ASN A 322 4.47 1.88 16.08
C ASN A 322 4.32 2.78 17.31
N VAL A 323 3.09 3.24 17.55
CA VAL A 323 2.85 4.16 18.67
C VAL A 323 2.48 3.43 19.96
N GLY A 324 2.37 2.11 19.92
CA GLY A 324 1.84 1.37 21.05
C GLY A 324 2.80 1.04 22.16
N THR A 325 4.12 1.17 21.96
CA THR A 325 5.09 0.88 23.00
C THR A 325 5.98 2.09 23.27
N TRP A 326 6.39 2.24 24.53
CA TRP A 326 7.27 3.35 24.88
C TRP A 326 8.63 3.21 24.21
N LYS A 327 9.12 1.98 24.05
CA LYS A 327 10.39 1.76 23.37
C LYS A 327 10.34 2.26 21.93
N SER A 328 9.28 1.91 21.19
CA SER A 328 9.17 2.36 19.81
C SER A 328 9.02 3.87 19.73
N ARG A 329 8.23 4.46 20.63
CA ARG A 329 8.07 5.91 20.62
C ARG A 329 9.39 6.62 20.90
N SER A 330 10.13 6.15 21.90
CA SER A 330 11.39 6.81 22.22
C SER A 330 12.42 6.62 21.12
N THR A 331 12.41 5.46 20.48
CA THR A 331 13.31 5.23 19.35
C THR A 331 13.02 6.20 18.21
N MET A 332 11.74 6.36 17.86
CA MET A 332 11.40 7.24 16.75
C MET A 332 11.73 8.70 17.07
N GLU A 333 11.47 9.14 18.29
N GLU A 333 11.46 9.15 18.29
CA GLU A 333 11.76 10.52 18.65
CA GLU A 333 11.77 10.53 18.64
C GLU A 333 13.26 10.80 18.61
C GLU A 333 13.26 10.79 18.59
N LYS A 334 14.09 9.80 18.95
CA LYS A 334 15.54 9.97 18.83
C LYS A 334 15.94 10.19 17.38
N TYR A 335 15.33 9.46 16.45
CA TYR A 335 15.68 9.63 15.05
C TYR A 335 15.21 10.98 14.52
N PHE A 336 13.98 11.39 14.88
CA PHE A 336 13.50 12.70 14.47
C PHE A 336 14.45 13.80 14.90
N ARG A 337 14.98 13.70 16.13
CA ARG A 337 15.91 14.71 16.62
C ARG A 337 17.23 14.66 15.85
N GLU A 338 17.74 13.45 15.61
N GLU A 338 17.72 13.45 15.58
CA GLU A 338 18.93 13.31 14.77
CA GLU A 338 18.95 13.32 14.78
C GLU A 338 18.74 13.99 13.42
C GLU A 338 18.77 13.92 13.39
N TRP A 339 17.62 13.67 12.76
CA TRP A 339 17.35 14.23 11.43
C TRP A 339 17.34 15.75 11.47
N LYS A 340 16.71 16.31 12.51
CA LYS A 340 16.58 17.76 12.64
C LYS A 340 17.94 18.41 12.87
N LEU A 341 18.76 17.84 13.75
CA LEU A 341 20.08 18.39 14.00
C LEU A 341 20.99 18.30 12.78
N GLU A 342 20.92 17.18 12.05
CA GLU A 342 21.76 17.03 10.87
C GLU A 342 21.40 18.04 9.79
N ALA A 343 20.10 18.26 9.59
CA ALA A 343 19.67 19.12 8.48
C ALA A 343 19.63 20.59 8.89
N GLY A 344 19.43 20.87 10.17
CA GLY A 344 19.49 22.22 10.67
C GLY A 344 18.17 22.94 10.87
N TYR A 345 17.04 22.24 10.75
CA TYR A 345 15.75 22.88 11.00
C TYR A 345 15.34 22.72 12.46
S DMS B . 0.23 -1.01 -11.48
O DMS B . 0.15 -0.88 -12.97
C1 DMS B . 1.56 0.09 -10.88
C2 DMS B . -1.20 -0.21 -10.73
NI NI C . -1.74 0.36 3.71
ZN ZN D . -1.33 0.43 7.01
C1 UFI E . -1.83 -9.08 6.79
C10 UFI E . 1.01 -5.29 3.87
C11 UFI E . 0.29 -6.25 4.52
C12 UFI E . -0.90 -5.91 5.22
C13 UFI E . -1.31 -4.56 5.22
C2 UFI E . -1.68 -6.87 5.93
C3 UFI E . -2.82 -6.47 6.60
C4 UFI E . -3.22 -5.12 6.59
C5 UFI E . -2.47 -4.19 5.91
C6 UFI E . -2.88 -2.76 5.90
C7 UFI E . -0.99 -2.19 4.56
C8 UFI E . -0.54 -3.60 4.55
C9 UFI E . 0.59 -3.96 3.87
N1 UFI E . -2.09 -1.85 5.29
O1 UFI E . -1.23 -8.15 5.89
O2 UFI E . -0.37 -1.33 3.95
O3 UFI E . -2.40 -0.51 5.41
O4 UFI E . -3.91 -2.41 6.47
C1 UFI F . -2.53 -7.67 11.03
C10 UFI F . 1.93 -6.49 7.88
C11 UFI F . 0.83 -6.80 8.63
C12 UFI F . -0.14 -5.82 8.94
C13 UFI F . 0.04 -4.52 8.43
C2 UFI F . -1.29 -6.10 9.73
C3 UFI F . -2.21 -5.10 9.98
C4 UFI F . -2.01 -3.81 9.47
C5 UFI F . -0.91 -3.52 8.71
C6 UFI F . -0.70 -2.16 8.16
C7 UFI F . 1.33 -2.85 7.13
C8 UFI F . 1.17 -4.22 7.64
C9 UFI F . 2.09 -5.20 7.37
N1 UFI F . 0.38 -1.91 7.38
O1 UFI F . -1.42 -7.38 10.19
O2 UFI F . 2.31 -2.56 6.44
O3 UFI F . 0.50 -0.66 6.82
O4 UFI F . -1.51 -1.27 8.37
#